data_4YBJ
#
_entry.id   4YBJ
#
_cell.length_a   42.117
_cell.length_b   120.062
_cell.length_c   63.319
_cell.angle_alpha   90.000
_cell.angle_beta   90.260
_cell.angle_gamma   90.000
#
_symmetry.space_group_name_H-M   'P 1 21 1'
#
loop_
_entity.id
_entity.type
_entity.pdbx_description
1 polymer 'Proto-oncogene tyrosine-protein kinase Src'
2 non-polymer 2-({6-[4-(2-hydroxyethyl)piperazin-1-yl]-2-methylpyrimidin-4-yl}amino)-N-(3-{[3-(trifluoromethyl)benzoyl]amino}phenyl)-1,3-thiazole-5-carboxamide
3 water water
#
_entity_poly.entity_id   1
_entity_poly.type   'polypeptide(L)'
_entity_poly.pdbx_seq_one_letter_code
;GHMQTQGLAKDAWEIPRESLRLEVKLGQGCFGEVWMGTWNGTTRVAIKTLKPGTMSPEAFLQEAQVMKKLRHEKLVQLYA
VVSEEPIYIVTEYMSKGSLLDFLKGEMGKYLRLPQLVDMAAQIASGMAYVERMNYVHRDLRAANILVGENLVCKVADFGL
ARLIEDNEYTARQGAKFPIKWTAPEAALYGRFTIKSDVWSFGILLTELTTKGRVPYPGMVNREVLDQVERGYRMPCPPEC
PESLHDLMCQCWRKDPEERPTFEYLQAFLEDYFTSTEPQYQPGENL
;
_entity_poly.pdbx_strand_id   A,B
#
loop_
_chem_comp.id
_chem_comp.type
_chem_comp.name
_chem_comp.formula
4A9 non-polymer 2-({6-[4-(2-hydroxyethyl)piperazin-1-yl]-2-methylpyrimidin-4-yl}amino)-N-(3-{[3-(trifluoromethyl)benzoyl]amino}phenyl)-1,3-thiazole-5-carboxamide 'C29 H29 F3 N8 O3 S'
#
# COMPACT_ATOMS: atom_id res chain seq x y z
N ALA A 12 40.60 3.62 -0.71
CA ALA A 12 39.89 4.17 -1.87
C ALA A 12 38.96 5.32 -1.45
N TRP A 13 38.26 5.15 -0.32
CA TRP A 13 37.33 6.15 0.23
C TRP A 13 38.04 7.20 1.11
N GLU A 14 39.35 7.00 1.36
CA GLU A 14 40.21 7.85 2.19
C GLU A 14 40.36 9.28 1.66
N ILE A 15 40.39 10.24 2.61
CA ILE A 15 40.56 11.69 2.38
C ILE A 15 41.39 12.30 3.54
N PRO A 16 42.16 13.40 3.33
CA PRO A 16 42.90 13.99 4.46
C PRO A 16 41.98 14.81 5.38
N ARG A 17 42.42 15.02 6.63
CA ARG A 17 41.68 15.77 7.66
C ARG A 17 41.57 17.27 7.32
N GLU A 18 42.50 17.78 6.49
CA GLU A 18 42.58 19.19 6.04
C GLU A 18 41.32 19.62 5.27
N SER A 19 40.71 18.70 4.49
CA SER A 19 39.51 18.93 3.69
C SER A 19 38.26 19.07 4.57
N LEU A 20 38.28 18.44 5.76
CA LEU A 20 37.16 18.48 6.71
C LEU A 20 37.29 19.61 7.72
N ARG A 21 36.16 20.20 8.09
CA ARG A 21 36.06 21.27 9.08
C ARG A 21 34.79 21.05 9.91
N LEU A 22 34.96 20.48 11.12
CA LEU A 22 33.89 20.21 12.08
C LEU A 22 33.42 21.55 12.67
N GLU A 23 32.16 21.95 12.40
CA GLU A 23 31.63 23.26 12.80
C GLU A 23 30.70 23.23 14.02
N VAL A 24 29.65 22.36 14.03
CA VAL A 24 28.69 22.29 15.13
C VAL A 24 28.46 20.84 15.56
N LYS A 25 28.57 20.57 16.87
CA LYS A 25 28.34 19.25 17.46
C LYS A 25 26.83 18.97 17.47
N LEU A 26 26.41 17.75 17.11
CA LEU A 26 24.99 17.40 17.04
C LEU A 26 24.55 16.37 18.10
N GLY A 27 25.42 15.41 18.39
CA GLY A 27 25.16 14.35 19.38
C GLY A 27 26.40 13.86 20.09
N GLN A 28 26.19 13.22 21.27
CA GLN A 28 27.26 12.66 22.11
C GLN A 28 27.03 11.17 22.41
N GLY A 29 28.10 10.48 22.84
CA GLY A 29 28.06 9.06 23.18
C GLY A 29 29.42 8.51 23.57
N GLY A 32 31.72 7.60 20.37
CA GLY A 32 32.22 8.91 19.99
C GLY A 32 31.15 9.99 19.95
N GLU A 33 31.18 10.85 18.90
CA GLU A 33 30.23 11.96 18.74
C GLU A 33 29.98 12.27 17.24
N VAL A 34 28.82 12.92 16.95
CA VAL A 34 28.40 13.28 15.59
C VAL A 34 28.43 14.81 15.42
N TRP A 35 29.04 15.28 14.32
CA TRP A 35 29.23 16.70 13.99
C TRP A 35 28.66 17.09 12.63
N MET A 36 28.49 18.41 12.43
CA MET A 36 28.08 19.02 11.16
C MET A 36 29.25 19.85 10.66
N GLY A 37 29.69 19.59 9.43
CA GLY A 37 30.83 20.29 8.86
C GLY A 37 30.78 20.55 7.36
N THR A 38 31.94 20.95 6.82
CA THR A 38 32.10 21.27 5.39
C THR A 38 33.31 20.50 4.83
N TRP A 39 33.08 19.70 3.78
CA TRP A 39 34.09 18.89 3.10
C TRP A 39 34.54 19.63 1.83
N ASN A 40 35.85 19.92 1.74
CA ASN A 40 36.52 20.65 0.65
C ASN A 40 36.01 22.12 0.54
N GLY A 41 35.54 22.66 1.66
CA GLY A 41 35.03 24.02 1.78
C GLY A 41 33.82 24.39 0.95
N THR A 42 33.00 23.39 0.55
CA THR A 42 31.80 23.63 -0.27
C THR A 42 30.65 22.68 0.16
N THR A 43 30.86 21.35 0.16
CA THR A 43 29.85 20.33 0.46
C THR A 43 29.61 20.22 1.98
N ARG A 44 28.36 20.49 2.41
CA ARG A 44 27.93 20.38 3.81
C ARG A 44 27.79 18.90 4.15
N VAL A 45 28.52 18.43 5.17
CA VAL A 45 28.54 17.01 5.53
C VAL A 45 28.27 16.77 7.03
N ALA A 46 28.14 15.47 7.38
CA ALA A 46 27.98 14.97 8.74
C ALA A 46 29.17 14.06 9.05
N ILE A 47 29.85 14.33 10.18
CA ILE A 47 31.05 13.58 10.57
C ILE A 47 30.83 12.86 11.91
N LYS A 48 30.93 11.51 11.90
CA LYS A 48 30.83 10.70 13.10
C LYS A 48 32.25 10.34 13.55
N THR A 49 32.65 10.90 14.70
CA THR A 49 33.99 10.72 15.25
C THR A 49 33.99 9.54 16.26
N LEU A 50 35.18 8.98 16.53
CA LEU A 50 35.36 7.89 17.48
C LEU A 50 36.17 8.39 18.66
N LYS A 51 35.66 8.19 19.89
CA LYS A 51 36.36 8.55 21.12
C LYS A 51 37.35 7.41 21.41
N PRO A 52 38.69 7.64 21.30
CA PRO A 52 39.64 6.52 21.49
C PRO A 52 39.56 5.90 22.88
N GLY A 53 39.66 4.57 22.92
CA GLY A 53 39.57 3.79 24.14
C GLY A 53 38.24 3.06 24.27
N THR A 54 37.13 3.72 23.87
CA THR A 54 35.77 3.18 23.93
C THR A 54 35.59 1.98 22.97
N MET A 55 36.22 2.06 21.78
CA MET A 55 36.17 1.04 20.73
C MET A 55 37.42 1.15 19.83
N SER A 56 37.96 -0.01 19.40
CA SER A 56 39.12 -0.10 18.52
C SER A 56 38.81 0.46 17.11
N PRO A 57 39.78 1.11 16.43
CA PRO A 57 39.50 1.67 15.09
C PRO A 57 39.05 0.64 14.04
N GLU A 58 39.50 -0.62 14.17
CA GLU A 58 39.13 -1.72 13.26
C GLU A 58 37.65 -2.09 13.42
N ALA A 59 37.13 -2.06 14.67
CA ALA A 59 35.74 -2.38 15.00
C ALA A 59 34.79 -1.21 14.67
N PHE A 60 35.28 0.04 14.76
CA PHE A 60 34.50 1.24 14.47
C PHE A 60 34.28 1.42 12.96
N LEU A 61 35.31 1.09 12.14
CA LEU A 61 35.24 1.21 10.68
C LEU A 61 34.45 0.06 10.03
N GLN A 62 34.07 -0.97 10.83
CA GLN A 62 33.30 -2.15 10.39
C GLN A 62 31.91 -1.74 9.86
N GLU A 63 31.33 -0.65 10.44
CA GLU A 63 30.05 -0.03 10.06
C GLU A 63 30.18 0.61 8.67
N ALA A 64 31.30 1.35 8.41
CA ALA A 64 31.59 2.00 7.13
C ALA A 64 31.72 0.95 5.99
N GLN A 65 32.29 -0.25 6.32
CA GLN A 65 32.44 -1.40 5.41
C GLN A 65 31.06 -1.84 4.88
N VAL A 66 30.03 -1.78 5.75
CA VAL A 66 28.62 -2.08 5.44
C VAL A 66 28.07 -0.97 4.50
N MET A 67 28.37 0.31 4.80
CA MET A 67 27.94 1.49 4.04
C MET A 67 28.57 1.55 2.64
N LYS A 68 29.74 0.92 2.45
CA LYS A 68 30.47 0.87 1.18
C LYS A 68 29.72 0.01 0.16
N LYS A 69 29.06 -1.08 0.62
CA LYS A 69 28.30 -2.01 -0.22
C LYS A 69 26.83 -1.57 -0.43
N LEU A 70 26.29 -0.70 0.45
CA LEU A 70 24.90 -0.23 0.37
C LEU A 70 24.82 1.18 -0.23
N ARG A 71 24.01 1.33 -1.29
CA ARG A 71 23.78 2.61 -1.98
C ARG A 71 22.32 2.67 -2.44
N HIS A 72 21.55 3.60 -1.84
CA HIS A 72 20.12 3.84 -2.12
C HIS A 72 19.73 5.26 -1.70
N GLU A 73 18.71 5.82 -2.36
CA GLU A 73 18.20 7.18 -2.10
C GLU A 73 17.54 7.33 -0.71
N LYS A 74 17.14 6.21 -0.06
CA LYS A 74 16.47 6.25 1.25
C LYS A 74 17.37 5.71 2.39
N LEU A 75 18.69 5.60 2.13
CA LEU A 75 19.71 5.23 3.11
C LEU A 75 20.70 6.37 3.19
N VAL A 76 21.26 6.65 4.40
CA VAL A 76 22.25 7.72 4.56
C VAL A 76 23.52 7.29 3.81
N GLN A 77 23.92 8.10 2.81
CA GLN A 77 25.03 7.83 1.90
C GLN A 77 26.39 8.17 2.49
N LEU A 78 27.31 7.19 2.42
CA LEU A 78 28.71 7.33 2.84
C LEU A 78 29.44 8.19 1.81
N TYR A 79 30.21 9.17 2.28
CA TYR A 79 30.96 10.06 1.40
C TYR A 79 32.46 9.73 1.44
N ALA A 80 33.05 9.66 2.66
CA ALA A 80 34.47 9.37 2.86
C ALA A 80 34.78 8.85 4.27
N VAL A 81 36.01 8.34 4.48
CA VAL A 81 36.50 7.82 5.77
C VAL A 81 37.92 8.37 6.06
N VAL A 82 38.28 8.43 7.36
CA VAL A 82 39.60 8.87 7.82
C VAL A 82 40.19 7.73 8.67
N SER A 83 41.21 7.02 8.13
CA SER A 83 41.87 5.88 8.79
C SER A 83 42.84 6.33 9.88
N GLU A 84 43.28 7.60 9.86
CA GLU A 84 44.17 8.16 10.87
C GLU A 84 43.36 8.55 12.10
N GLU A 85 43.84 8.18 13.30
CA GLU A 85 43.15 8.48 14.57
C GLU A 85 43.25 9.99 14.92
N PRO A 86 42.13 10.67 15.32
CA PRO A 86 40.76 10.17 15.52
C PRO A 86 40.04 9.83 14.21
N ILE A 87 39.40 8.64 14.19
CA ILE A 87 38.68 8.09 13.03
C ILE A 87 37.40 8.89 12.76
N TYR A 88 37.21 9.27 11.48
CA TYR A 88 36.04 10.00 11.00
C TYR A 88 35.32 9.20 9.92
N ILE A 89 33.97 9.15 9.99
CA ILE A 89 33.13 8.52 8.98
C ILE A 89 32.24 9.64 8.44
N VAL A 90 32.52 10.09 7.21
CA VAL A 90 31.84 11.21 6.55
C VAL A 90 30.66 10.71 5.72
N THR A 91 29.49 11.35 5.90
CA THR A 91 28.24 11.03 5.18
C THR A 91 27.53 12.31 4.74
N GLU A 92 26.37 12.17 4.07
CA GLU A 92 25.53 13.29 3.66
C GLU A 92 24.88 13.92 4.91
N TYR A 93 24.52 15.22 4.83
CA TYR A 93 23.92 15.90 5.98
C TYR A 93 22.39 15.90 5.89
N MET A 94 21.73 15.49 7.00
CA MET A 94 20.28 15.49 7.15
C MET A 94 19.94 16.65 8.07
N SER A 95 19.34 17.70 7.49
CA SER A 95 19.04 19.01 8.09
C SER A 95 18.07 19.01 9.28
N LYS A 96 17.10 18.08 9.37
CA LYS A 96 16.10 18.14 10.44
C LYS A 96 16.38 17.18 11.62
N GLY A 97 17.41 16.35 11.50
CA GLY A 97 17.79 15.41 12.56
C GLY A 97 17.01 14.13 12.57
N SER A 98 16.97 13.47 13.75
CA SER A 98 16.27 12.21 13.95
C SER A 98 14.75 12.37 13.83
N LEU A 99 14.07 11.32 13.34
CA LEU A 99 12.62 11.29 13.18
C LEU A 99 11.95 11.40 14.57
N LEU A 100 12.56 10.78 15.60
CA LEU A 100 12.05 10.82 16.97
C LEU A 100 11.99 12.26 17.48
N ASP A 101 13.10 13.03 17.38
CA ASP A 101 13.15 14.43 17.81
C ASP A 101 12.22 15.28 16.96
N PHE A 102 12.12 14.98 15.65
CA PHE A 102 11.23 15.66 14.71
C PHE A 102 9.76 15.50 15.13
N LEU A 103 9.32 14.25 15.44
CA LEU A 103 7.97 13.93 15.90
C LEU A 103 7.65 14.52 17.27
N LYS A 104 8.65 14.59 18.15
CA LYS A 104 8.50 15.13 19.50
C LYS A 104 8.50 16.66 19.47
N GLY A 105 9.28 17.25 18.57
CA GLY A 105 9.42 18.69 18.42
C GLY A 105 8.21 19.45 17.91
N GLU A 106 8.43 20.75 17.61
CA GLU A 106 7.48 21.75 17.09
C GLU A 106 6.64 21.22 15.92
N MET A 107 7.26 20.40 15.05
CA MET A 107 6.67 19.82 13.85
C MET A 107 5.58 18.77 14.11
N GLY A 108 5.67 18.07 15.22
CA GLY A 108 4.73 17.01 15.62
C GLY A 108 3.26 17.37 15.56
N LYS A 109 2.90 18.57 16.04
CA LYS A 109 1.54 19.09 16.07
C LYS A 109 0.92 19.23 14.67
N TYR A 110 1.75 19.65 13.68
CA TYR A 110 1.29 19.91 12.32
C TYR A 110 1.30 18.67 11.42
N LEU A 111 2.07 17.64 11.77
CA LEU A 111 2.14 16.40 11.00
C LEU A 111 0.85 15.60 11.14
N ARG A 112 0.24 15.24 10.01
CA ARG A 112 -0.99 14.44 9.98
C ARG A 112 -0.69 13.09 9.32
N LEU A 113 -1.68 12.18 9.30
CA LEU A 113 -1.53 10.84 8.72
C LEU A 113 -0.97 10.87 7.26
N PRO A 114 -1.40 11.75 6.30
CA PRO A 114 -0.80 11.71 4.95
C PRO A 114 0.72 11.90 4.91
N GLN A 115 1.26 12.75 5.82
CA GLN A 115 2.69 13.01 5.95
C GLN A 115 3.40 11.82 6.59
N LEU A 116 2.87 11.31 7.71
CA LEU A 116 3.42 10.18 8.48
C LEU A 116 3.44 8.88 7.67
N VAL A 117 2.41 8.66 6.83
CA VAL A 117 2.33 7.47 5.98
C VAL A 117 3.37 7.61 4.84
N ASP A 118 3.57 8.84 4.31
CA ASP A 118 4.58 9.11 3.26
C ASP A 118 5.99 8.86 3.82
N MET A 119 6.24 9.28 5.08
CA MET A 119 7.50 9.06 5.80
C MET A 119 7.72 7.56 5.96
N ALA A 120 6.65 6.83 6.38
CA ALA A 120 6.65 5.36 6.56
C ALA A 120 6.95 4.65 5.25
N ALA A 121 6.36 5.13 4.13
CA ALA A 121 6.57 4.61 2.77
C ALA A 121 8.04 4.79 2.33
N GLN A 122 8.69 5.90 2.73
CA GLN A 122 10.08 6.20 2.42
C GLN A 122 11.02 5.26 3.17
N ILE A 123 10.73 5.01 4.48
CA ILE A 123 11.50 4.11 5.35
C ILE A 123 11.37 2.69 4.80
N ALA A 124 10.12 2.29 4.45
CA ALA A 124 9.80 0.97 3.89
C ALA A 124 10.55 0.74 2.57
N SER A 125 10.78 1.81 1.77
CA SER A 125 11.51 1.79 0.51
C SER A 125 12.99 1.49 0.76
N GLY A 126 13.60 2.21 1.70
CA GLY A 126 14.99 2.02 2.10
C GLY A 126 15.23 0.63 2.66
N MET A 127 14.25 0.14 3.45
CA MET A 127 14.30 -1.20 4.04
C MET A 127 13.99 -2.27 2.98
N ALA A 128 13.31 -1.90 1.86
CA ALA A 128 13.03 -2.82 0.75
C ALA A 128 14.32 -3.06 -0.03
N TYR A 129 15.24 -2.07 -0.04
CA TYR A 129 16.55 -2.20 -0.67
C TYR A 129 17.43 -3.15 0.18
N VAL A 130 17.48 -2.91 1.50
CA VAL A 130 18.18 -3.71 2.52
C VAL A 130 17.75 -5.19 2.40
N GLU A 131 16.45 -5.42 2.14
CA GLU A 131 15.81 -6.73 1.93
C GLU A 131 16.42 -7.42 0.69
N ARG A 132 16.50 -6.68 -0.44
CA ARG A 132 17.06 -7.16 -1.71
C ARG A 132 18.55 -7.47 -1.59
N MET A 133 19.29 -6.68 -0.80
CA MET A 133 20.74 -6.80 -0.59
C MET A 133 21.11 -7.91 0.41
N ASN A 134 20.09 -8.51 1.06
CA ASN A 134 20.17 -9.59 2.06
C ASN A 134 20.91 -9.11 3.34
N TYR A 135 20.73 -7.82 3.68
CA TYR A 135 21.29 -7.20 4.88
C TYR A 135 20.21 -7.14 5.98
N VAL A 136 20.63 -7.06 7.25
CA VAL A 136 19.76 -6.96 8.43
C VAL A 136 20.17 -5.70 9.20
N HIS A 137 19.22 -4.78 9.47
CA HIS A 137 19.51 -3.54 10.19
C HIS A 137 19.78 -3.80 11.68
N ARG A 138 18.86 -4.53 12.36
CA ARG A 138 18.89 -4.95 13.78
C ARG A 138 18.44 -3.84 14.76
N ASP A 139 18.46 -2.55 14.36
CA ASP A 139 18.03 -1.48 15.24
C ASP A 139 17.17 -0.45 14.49
N LEU A 140 16.09 -0.93 13.84
CA LEU A 140 15.17 -0.06 13.11
C LEU A 140 14.18 0.59 14.10
N ARG A 141 14.23 1.93 14.18
CA ARG A 141 13.39 2.78 15.04
C ARG A 141 13.53 4.22 14.59
N ALA A 142 12.59 5.10 15.01
CA ALA A 142 12.56 6.52 14.69
C ALA A 142 13.86 7.24 15.03
N ALA A 143 14.55 6.81 16.11
CA ALA A 143 15.85 7.37 16.55
C ALA A 143 16.96 7.10 15.52
N ASN A 144 16.81 6.04 14.71
CA ASN A 144 17.77 5.67 13.66
C ASN A 144 17.24 6.04 12.26
N ILE A 145 16.29 6.98 12.20
CA ILE A 145 15.74 7.52 10.96
C ILE A 145 16.06 9.00 10.95
N LEU A 146 16.69 9.47 9.88
CA LEU A 146 17.06 10.88 9.77
C LEU A 146 16.16 11.61 8.78
N VAL A 147 15.73 12.82 9.17
CA VAL A 147 14.83 13.69 8.41
C VAL A 147 15.64 14.84 7.80
N GLY A 148 15.34 15.15 6.55
CA GLY A 148 15.96 16.25 5.81
C GLY A 148 14.92 17.22 5.30
N GLU A 149 15.26 17.97 4.24
CA GLU A 149 14.36 18.94 3.62
C GLU A 149 13.24 18.22 2.85
N ASN A 150 12.05 18.87 2.74
CA ASN A 150 10.86 18.38 2.03
C ASN A 150 10.40 17.00 2.57
N LEU A 151 10.50 16.82 3.92
CA LEU A 151 10.08 15.63 4.67
C LEU A 151 10.78 14.32 4.20
N VAL A 152 12.02 14.43 3.69
CA VAL A 152 12.80 13.29 3.21
C VAL A 152 13.31 12.50 4.42
N CYS A 153 12.98 11.21 4.47
CA CYS A 153 13.37 10.31 5.54
C CYS A 153 14.36 9.28 5.00
N LYS A 154 15.46 9.09 5.73
CA LYS A 154 16.51 8.14 5.34
C LYS A 154 16.87 7.24 6.51
N VAL A 155 17.08 5.95 6.21
CA VAL A 155 17.45 4.92 7.20
C VAL A 155 18.93 5.14 7.56
N ALA A 156 19.21 5.18 8.88
CA ALA A 156 20.54 5.38 9.44
C ALA A 156 20.78 4.44 10.63
N ASP A 157 21.94 4.55 11.29
CA ASP A 157 22.30 3.76 12.45
C ASP A 157 23.35 4.53 13.27
N PHE A 158 22.94 5.00 14.46
CA PHE A 158 23.79 5.78 15.37
C PHE A 158 24.56 4.88 16.36
N GLY A 159 24.21 3.60 16.41
CA GLY A 159 24.85 2.62 17.30
C GLY A 159 24.06 2.34 18.55
N PRO A 178 17.02 -1.98 23.03
CA PRO A 178 15.78 -1.59 22.35
C PRO A 178 14.81 -2.78 22.26
N ILE A 179 14.60 -3.46 23.42
CA ILE A 179 13.71 -4.64 23.60
C ILE A 179 12.27 -4.34 23.11
N LYS A 180 11.78 -3.10 23.35
CA LYS A 180 10.43 -2.66 22.94
C LYS A 180 10.26 -2.65 21.40
N TRP A 181 11.37 -2.58 20.65
CA TRP A 181 11.41 -2.57 19.17
C TRP A 181 11.87 -3.92 18.59
N THR A 182 12.56 -4.75 19.37
CA THR A 182 13.12 -6.03 18.92
C THR A 182 12.07 -7.14 18.93
N ALA A 183 12.07 -7.97 17.87
CA ALA A 183 11.21 -9.15 17.71
C ALA A 183 11.56 -10.19 18.79
N PRO A 184 10.57 -10.95 19.33
CA PRO A 184 10.88 -11.89 20.42
C PRO A 184 11.98 -12.92 20.08
N GLU A 185 11.94 -13.56 18.89
CA GLU A 185 12.96 -14.55 18.49
C GLU A 185 14.36 -13.91 18.37
N ALA A 186 14.44 -12.61 18.02
CA ALA A 186 15.70 -11.87 17.92
C ALA A 186 16.22 -11.48 19.32
N ALA A 187 15.32 -11.09 20.22
CA ALA A 187 15.71 -10.70 21.58
C ALA A 187 16.05 -11.92 22.44
N LEU A 188 15.25 -12.99 22.33
CA LEU A 188 15.44 -14.21 23.12
C LEU A 188 16.50 -15.15 22.54
N TYR A 189 16.38 -15.53 21.25
CA TYR A 189 17.25 -16.53 20.63
C TYR A 189 18.30 -15.96 19.64
N GLY A 190 18.39 -14.63 19.55
CA GLY A 190 19.34 -13.95 18.68
C GLY A 190 19.12 -14.13 17.19
N ARG A 191 17.86 -14.44 16.79
CA ARG A 191 17.48 -14.68 15.39
C ARG A 191 17.15 -13.36 14.68
N PHE A 192 18.20 -12.55 14.44
CA PHE A 192 18.08 -11.26 13.76
C PHE A 192 18.03 -11.49 12.25
N THR A 193 16.85 -11.24 11.66
CA THR A 193 16.59 -11.39 10.23
C THR A 193 15.90 -10.13 9.69
N ILE A 194 15.54 -10.13 8.40
CA ILE A 194 14.81 -9.01 7.79
C ILE A 194 13.36 -9.03 8.35
N LYS A 195 12.90 -10.20 8.84
CA LYS A 195 11.59 -10.40 9.45
C LYS A 195 11.56 -9.84 10.88
N SER A 196 12.73 -9.72 11.53
CA SER A 196 12.79 -9.11 12.85
C SER A 196 12.81 -7.57 12.68
N ASP A 197 13.30 -7.10 11.51
CA ASP A 197 13.31 -5.69 11.11
C ASP A 197 11.89 -5.24 10.76
N VAL A 198 11.08 -6.15 10.18
CA VAL A 198 9.67 -5.92 9.83
C VAL A 198 8.90 -5.67 11.12
N TRP A 199 9.17 -6.48 12.18
CA TRP A 199 8.58 -6.33 13.51
C TRP A 199 8.87 -4.91 14.02
N SER A 200 10.16 -4.49 13.95
CA SER A 200 10.67 -3.19 14.36
C SER A 200 9.99 -2.05 13.58
N PHE A 201 9.70 -2.27 12.29
CA PHE A 201 9.02 -1.29 11.43
C PHE A 201 7.57 -1.10 11.91
N GLY A 202 6.97 -2.18 12.45
CA GLY A 202 5.63 -2.16 13.02
C GLY A 202 5.57 -1.28 14.26
N ILE A 203 6.63 -1.32 15.08
CA ILE A 203 6.79 -0.50 16.29
C ILE A 203 7.03 0.97 15.87
N LEU A 204 7.82 1.18 14.80
CA LEU A 204 8.12 2.49 14.22
C LEU A 204 6.82 3.18 13.77
N LEU A 205 5.83 2.39 13.27
CA LEU A 205 4.54 2.91 12.83
C LEU A 205 3.78 3.52 14.01
N THR A 206 3.91 2.92 15.22
CA THR A 206 3.26 3.42 16.45
C THR A 206 3.94 4.73 16.85
N GLU A 207 5.28 4.82 16.68
CA GLU A 207 6.04 6.04 16.96
C GLU A 207 5.55 7.17 16.06
N LEU A 208 5.31 6.89 14.76
CA LEU A 208 4.79 7.87 13.80
C LEU A 208 3.37 8.29 14.14
N THR A 209 2.48 7.33 14.49
CA THR A 209 1.07 7.59 14.78
C THR A 209 0.80 8.14 16.20
N THR A 210 1.79 8.11 17.12
CA THR A 210 1.62 8.66 18.47
C THR A 210 2.47 9.92 18.66
N LYS A 211 3.19 10.34 17.60
CA LYS A 211 4.07 11.52 17.52
C LYS A 211 5.32 11.34 18.39
N GLY A 212 5.98 10.19 18.24
CA GLY A 212 7.22 9.85 18.91
C GLY A 212 7.11 9.25 20.30
N ARG A 213 5.90 8.85 20.72
CA ARG A 213 5.71 8.27 22.04
C ARG A 213 6.32 6.87 22.13
N VAL A 214 6.98 6.59 23.27
CA VAL A 214 7.66 5.31 23.57
C VAL A 214 6.64 4.16 23.55
N PRO A 215 6.91 3.06 22.79
CA PRO A 215 5.97 1.94 22.73
C PRO A 215 5.73 1.26 24.09
N TYR A 216 4.57 0.57 24.23
CA TYR A 216 4.13 -0.12 25.46
C TYR A 216 4.21 0.85 26.66
N PRO A 217 3.41 1.96 26.66
CA PRO A 217 3.52 2.94 27.75
C PRO A 217 3.19 2.37 29.13
N GLY A 218 4.04 2.67 30.11
CA GLY A 218 3.92 2.21 31.49
C GLY A 218 4.52 0.85 31.77
N MET A 219 4.84 0.08 30.71
CA MET A 219 5.43 -1.26 30.79
C MET A 219 6.96 -1.20 30.74
N VAL A 220 7.62 -1.95 31.63
CA VAL A 220 9.09 -2.05 31.68
C VAL A 220 9.55 -3.13 30.68
N ASN A 221 10.87 -3.17 30.36
CA ASN A 221 11.47 -4.14 29.41
C ASN A 221 11.12 -5.59 29.75
N ARG A 222 11.07 -5.96 31.05
CA ARG A 222 10.71 -7.30 31.52
C ARG A 222 9.22 -7.59 31.26
N GLU A 223 8.34 -6.60 31.53
CA GLU A 223 6.90 -6.69 31.30
C GLU A 223 6.56 -6.89 29.83
N VAL A 224 7.30 -6.21 28.92
CA VAL A 224 7.12 -6.23 27.47
C VAL A 224 7.41 -7.64 26.94
N LEU A 225 8.64 -8.14 27.17
CA LEU A 225 9.15 -9.46 26.73
C LEU A 225 8.21 -10.62 27.12
N ASP A 226 7.65 -10.59 28.35
CA ASP A 226 6.75 -11.63 28.85
C ASP A 226 5.32 -11.51 28.30
N GLN A 227 4.81 -10.27 28.11
CA GLN A 227 3.47 -10.02 27.59
C GLN A 227 3.34 -10.32 26.10
N VAL A 228 4.34 -9.95 25.27
CA VAL A 228 4.29 -10.20 23.81
C VAL A 228 4.33 -11.71 23.52
N GLU A 229 4.97 -12.51 24.41
CA GLU A 229 5.03 -13.97 24.29
C GLU A 229 3.63 -14.57 24.49
N ARG A 230 2.90 -14.05 25.51
CA ARG A 230 1.53 -14.44 25.85
C ARG A 230 0.52 -13.97 24.77
N GLY A 231 1.00 -13.21 23.79
CA GLY A 231 0.20 -12.72 22.68
C GLY A 231 -0.23 -11.26 22.74
N TYR A 232 0.30 -10.48 23.71
CA TYR A 232 -0.06 -9.06 23.81
C TYR A 232 0.56 -8.27 22.67
N ARG A 233 -0.25 -7.37 22.10
CA ARG A 233 0.11 -6.43 21.05
C ARG A 233 -0.44 -5.07 21.42
N MET A 234 0.29 -4.00 21.07
CA MET A 234 -0.16 -2.63 21.35
C MET A 234 -1.53 -2.39 20.69
N PRO A 235 -2.48 -1.74 21.40
CA PRO A 235 -3.80 -1.50 20.79
C PRO A 235 -3.70 -0.44 19.70
N CYS A 236 -4.79 -0.25 18.95
CA CYS A 236 -4.83 0.75 17.89
C CYS A 236 -4.61 2.15 18.49
N PRO A 237 -3.57 2.90 18.05
CA PRO A 237 -3.34 4.26 18.59
C PRO A 237 -4.54 5.20 18.36
N PRO A 238 -4.78 6.22 19.23
CA PRO A 238 -5.94 7.11 19.02
C PRO A 238 -5.85 7.88 17.70
N GLU A 239 -7.00 7.94 16.96
CA GLU A 239 -7.19 8.60 15.66
C GLU A 239 -6.52 7.83 14.49
N CYS A 240 -5.82 6.71 14.79
CA CYS A 240 -5.19 5.90 13.75
C CYS A 240 -6.22 4.96 13.13
N PRO A 241 -6.36 4.90 11.78
CA PRO A 241 -7.36 3.98 11.19
C PRO A 241 -7.00 2.53 11.48
N GLU A 242 -8.02 1.68 11.67
CA GLU A 242 -7.87 0.26 11.97
C GLU A 242 -7.00 -0.47 10.95
N SER A 243 -7.08 -0.08 9.67
CA SER A 243 -6.33 -0.67 8.55
C SER A 243 -4.81 -0.54 8.72
N LEU A 244 -4.34 0.59 9.29
CA LEU A 244 -2.91 0.81 9.54
C LEU A 244 -2.46 0.00 10.78
N HIS A 245 -3.38 -0.19 11.77
CA HIS A 245 -3.10 -1.00 12.96
C HIS A 245 -3.05 -2.49 12.57
N ASP A 246 -3.83 -2.91 11.55
CA ASP A 246 -3.83 -4.27 11.02
C ASP A 246 -2.48 -4.57 10.39
N LEU A 247 -1.89 -3.57 9.70
CA LEU A 247 -0.57 -3.66 9.08
C LEU A 247 0.49 -3.82 10.17
N MET A 248 0.35 -3.05 11.28
CA MET A 248 1.24 -3.15 12.45
C MET A 248 1.17 -4.56 13.01
N CYS A 249 -0.05 -5.12 13.14
CA CYS A 249 -0.32 -6.45 13.66
C CYS A 249 0.19 -7.56 12.74
N GLN A 250 0.28 -7.29 11.42
CA GLN A 250 0.84 -8.20 10.43
C GLN A 250 2.35 -8.28 10.64
N CYS A 251 2.97 -7.11 10.97
CA CYS A 251 4.39 -6.96 11.28
C CYS A 251 4.72 -7.64 12.62
N TRP A 252 3.71 -7.85 13.48
CA TRP A 252 3.91 -8.41 14.80
C TRP A 252 3.43 -9.87 14.94
N ARG A 253 3.36 -10.62 13.82
CA ARG A 253 2.95 -12.03 13.85
C ARG A 253 4.02 -12.86 14.56
N LYS A 254 3.61 -13.79 15.45
CA LYS A 254 4.54 -14.64 16.22
C LYS A 254 5.56 -15.34 15.31
N ASP A 255 5.08 -15.94 14.19
CA ASP A 255 5.95 -16.62 13.23
C ASP A 255 6.59 -15.59 12.28
N PRO A 256 7.94 -15.46 12.28
CA PRO A 256 8.61 -14.48 11.40
C PRO A 256 8.29 -14.65 9.90
N GLU A 257 8.19 -15.90 9.42
CA GLU A 257 7.90 -16.22 8.02
C GLU A 257 6.54 -15.66 7.56
N GLU A 258 5.56 -15.55 8.47
CA GLU A 258 4.20 -15.04 8.22
C GLU A 258 4.19 -13.51 8.08
N ARG A 259 5.23 -12.81 8.61
CA ARG A 259 5.36 -11.36 8.55
C ARG A 259 5.49 -10.86 7.09
N PRO A 260 4.95 -9.68 6.73
CA PRO A 260 5.05 -9.22 5.35
C PRO A 260 6.46 -8.75 4.97
N THR A 261 6.72 -8.65 3.67
CA THR A 261 7.99 -8.16 3.12
C THR A 261 7.97 -6.64 3.16
N PHE A 262 9.15 -6.01 3.05
CA PHE A 262 9.24 -4.54 3.00
C PHE A 262 8.73 -4.03 1.64
N GLU A 263 8.79 -4.89 0.61
CA GLU A 263 8.28 -4.63 -0.74
C GLU A 263 6.77 -4.45 -0.67
N TYR A 264 6.08 -5.33 0.09
CA TYR A 264 4.64 -5.28 0.32
C TYR A 264 4.31 -4.03 1.14
N LEU A 265 5.09 -3.76 2.20
CA LEU A 265 4.91 -2.60 3.09
C LEU A 265 5.03 -1.29 2.31
N GLN A 266 6.03 -1.16 1.42
CA GLN A 266 6.25 0.02 0.58
C GLN A 266 5.05 0.26 -0.33
N ALA A 267 4.61 -0.78 -1.07
CA ALA A 267 3.48 -0.74 -1.99
C ALA A 267 2.18 -0.39 -1.27
N PHE A 268 1.94 -1.00 -0.09
CA PHE A 268 0.75 -0.77 0.72
C PHE A 268 0.70 0.68 1.21
N LEU A 269 1.84 1.22 1.69
CA LEU A 269 1.92 2.58 2.26
C LEU A 269 1.87 3.65 1.16
N GLU A 270 2.47 3.40 -0.02
CA GLU A 270 2.44 4.33 -1.15
C GLU A 270 1.00 4.51 -1.67
N ASP A 271 0.23 3.40 -1.75
CA ASP A 271 -1.14 3.32 -2.29
C ASP A 271 -2.26 3.49 -1.22
N TYR A 272 -1.89 3.62 0.06
CA TYR A 272 -2.78 3.69 1.23
C TYR A 272 -4.03 4.59 1.07
N PHE A 273 -3.87 5.86 0.65
CA PHE A 273 -5.00 6.81 0.57
C PHE A 273 -5.89 6.63 -0.67
N THR A 274 -5.63 5.61 -1.51
CA THR A 274 -6.45 5.32 -2.67
C THR A 274 -7.09 3.94 -2.50
N SER A 275 -6.26 2.93 -2.18
CA SER A 275 -6.67 1.53 -2.07
C SER A 275 -7.19 1.12 -0.70
N THR A 276 -6.60 1.63 0.39
CA THR A 276 -6.96 1.22 1.74
C THR A 276 -7.89 2.23 2.45
N GLU A 277 -7.54 3.53 2.48
CA GLU A 277 -8.38 4.54 3.14
C GLU A 277 -8.73 5.67 2.16
N PRO A 278 -9.67 5.45 1.21
CA PRO A 278 -10.03 6.53 0.27
C PRO A 278 -10.97 7.58 0.87
N GLN A 279 -11.67 7.22 1.97
CA GLN A 279 -12.63 8.09 2.66
C GLN A 279 -12.03 8.65 3.97
N TYR A 280 -10.68 8.75 4.02
CA TYR A 280 -9.95 9.27 5.17
C TYR A 280 -10.24 10.76 5.36
N GLN A 281 -10.59 11.15 6.59
CA GLN A 281 -10.87 12.53 6.96
C GLN A 281 -9.90 13.00 8.03
N PRO A 282 -9.20 14.15 7.84
CA PRO A 282 -8.26 14.62 8.87
C PRO A 282 -8.98 14.95 10.19
N GLY A 283 -8.30 14.63 11.29
CA GLY A 283 -8.80 14.87 12.64
C GLY A 283 -8.01 15.95 13.36
N GLU A 284 -8.00 15.89 14.70
CA GLU A 284 -7.31 16.85 15.56
C GLU A 284 -5.80 16.57 15.65
N ASN A 285 -5.37 15.30 15.52
CA ASN A 285 -3.96 14.92 15.61
C ASN A 285 -3.50 14.11 14.40
N LEU A 286 -4.39 13.25 13.86
CA LEU A 286 -4.09 12.40 12.71
C LEU A 286 -5.10 12.62 11.59
N ALA B 12 -42.45 -6.70 -4.79
CA ALA B 12 -42.43 -8.04 -5.37
C ALA B 12 -41.28 -8.89 -4.80
N TRP B 13 -40.08 -8.28 -4.65
CA TRP B 13 -38.88 -8.92 -4.12
C TRP B 13 -38.82 -8.83 -2.57
N GLU B 14 -39.77 -8.08 -1.96
CA GLU B 14 -39.90 -7.81 -0.53
C GLU B 14 -39.91 -9.07 0.35
N ILE B 15 -39.33 -8.95 1.55
CA ILE B 15 -39.23 -9.98 2.58
C ILE B 15 -39.26 -9.28 3.98
N PRO B 16 -39.86 -9.88 5.04
CA PRO B 16 -39.88 -9.19 6.35
C PRO B 16 -38.49 -9.04 6.98
N ARG B 17 -38.34 -8.07 7.90
CA ARG B 17 -37.09 -7.73 8.61
C ARG B 17 -36.59 -8.88 9.50
N GLU B 18 -37.51 -9.76 9.97
CA GLU B 18 -37.20 -10.90 10.83
C GLU B 18 -36.47 -12.03 10.09
N SER B 19 -36.54 -12.06 8.74
CA SER B 19 -35.91 -13.07 7.89
C SER B 19 -34.38 -12.92 7.84
N LEU B 20 -33.88 -11.71 7.51
CA LEU B 20 -32.45 -11.42 7.39
C LEU B 20 -31.82 -11.03 8.73
N ARG B 21 -30.61 -11.54 8.99
CA ARG B 21 -29.84 -11.28 10.21
C ARG B 21 -28.40 -10.86 9.84
N LEU B 22 -28.04 -9.60 10.14
CA LEU B 22 -26.72 -9.02 9.87
C LEU B 22 -25.75 -9.47 10.96
N GLU B 23 -24.74 -10.29 10.60
CA GLU B 23 -23.79 -10.87 11.56
C GLU B 23 -22.41 -10.19 11.61
N VAL B 24 -21.68 -10.11 10.47
CA VAL B 24 -20.32 -9.55 10.43
C VAL B 24 -20.25 -8.36 9.45
N LYS B 25 -19.71 -7.21 9.92
CA LYS B 25 -19.53 -6.00 9.09
C LYS B 25 -18.36 -6.19 8.13
N LEU B 26 -18.63 -6.09 6.81
CA LEU B 26 -17.65 -6.28 5.75
C LEU B 26 -17.03 -4.94 5.30
N GLY B 27 -17.87 -3.94 5.09
CA GLY B 27 -17.45 -2.60 4.67
C GLY B 27 -18.15 -1.47 5.37
N GLN B 28 -17.67 -0.23 5.16
CA GLN B 28 -18.22 1.00 5.76
C GLN B 28 -18.02 2.21 4.83
N GLY B 29 -18.50 3.38 5.27
CA GLY B 29 -18.39 4.64 4.54
C GLY B 29 -19.59 4.96 3.69
N CYS B 30 -19.34 5.45 2.44
CA CYS B 30 -20.28 5.85 1.39
C CYS B 30 -21.64 6.35 1.97
N PHE B 31 -22.74 5.60 1.75
CA PHE B 31 -24.08 5.91 2.23
C PHE B 31 -24.51 4.94 3.34
N GLY B 32 -24.08 3.69 3.23
CA GLY B 32 -24.39 2.64 4.18
C GLY B 32 -23.21 1.76 4.56
N GLU B 33 -23.46 0.45 4.71
CA GLU B 33 -22.45 -0.54 5.10
C GLU B 33 -22.83 -1.93 4.59
N VAL B 34 -21.82 -2.70 4.12
CA VAL B 34 -22.01 -4.07 3.65
C VAL B 34 -21.80 -5.03 4.83
N TRP B 35 -22.76 -5.94 5.04
CA TRP B 35 -22.73 -6.91 6.15
C TRP B 35 -22.97 -8.34 5.69
N MET B 36 -22.20 -9.29 6.24
CA MET B 36 -22.38 -10.72 5.96
C MET B 36 -23.40 -11.26 6.97
N GLY B 37 -24.38 -12.01 6.47
CA GLY B 37 -25.42 -12.57 7.32
C GLY B 37 -26.08 -13.83 6.81
N THR B 38 -27.30 -14.10 7.29
CA THR B 38 -28.10 -15.26 6.92
C THR B 38 -29.56 -14.84 6.64
N TRP B 39 -30.12 -15.35 5.53
CA TRP B 39 -31.49 -15.08 5.08
C TRP B 39 -32.33 -16.33 5.28
N ASN B 40 -33.39 -16.21 6.13
CA ASN B 40 -34.33 -17.28 6.52
C ASN B 40 -33.61 -18.41 7.30
N GLY B 41 -32.41 -18.10 7.81
CA GLY B 41 -31.55 -19.00 8.57
C GLY B 41 -31.08 -20.23 7.81
N THR B 42 -30.93 -20.13 6.48
CA THR B 42 -30.51 -21.25 5.63
C THR B 42 -29.37 -20.84 4.67
N THR B 43 -29.56 -19.75 3.91
CA THR B 43 -28.60 -19.26 2.90
C THR B 43 -27.81 -18.04 3.39
N ARG B 44 -26.50 -18.01 3.07
CA ARG B 44 -25.60 -16.90 3.41
C ARG B 44 -25.80 -15.76 2.41
N VAL B 45 -25.95 -14.52 2.93
CA VAL B 45 -26.21 -13.32 2.12
C VAL B 45 -25.33 -12.12 2.53
N ALA B 46 -25.40 -11.05 1.72
CA ALA B 46 -24.73 -9.77 1.94
C ALA B 46 -25.79 -8.67 1.98
N ILE B 47 -25.82 -7.90 3.07
CA ILE B 47 -26.84 -6.86 3.30
C ILE B 47 -26.22 -5.45 3.32
N LYS B 48 -26.82 -4.52 2.57
CA LYS B 48 -26.42 -3.11 2.52
C LYS B 48 -27.45 -2.28 3.28
N THR B 49 -27.00 -1.56 4.32
CA THR B 49 -27.84 -0.74 5.20
C THR B 49 -28.26 0.56 4.52
N MET B 55 -28.01 10.70 1.83
CA MET B 55 -28.82 10.16 0.74
C MET B 55 -30.26 9.90 1.19
N SER B 56 -31.22 10.33 0.36
CA SER B 56 -32.67 10.17 0.60
C SER B 56 -33.10 8.69 0.49
N PRO B 57 -34.18 8.25 1.17
CA PRO B 57 -34.60 6.83 1.05
C PRO B 57 -34.99 6.43 -0.37
N GLU B 58 -35.53 7.38 -1.17
CA GLU B 58 -35.92 7.15 -2.56
C GLU B 58 -34.69 7.04 -3.47
N ALA B 59 -33.57 7.68 -3.08
CA ALA B 59 -32.30 7.66 -3.81
C ALA B 59 -31.52 6.36 -3.59
N PHE B 60 -31.54 5.83 -2.34
CA PHE B 60 -30.85 4.59 -1.96
C PHE B 60 -31.58 3.35 -2.49
N LEU B 61 -32.94 3.37 -2.46
CA LEU B 61 -33.77 2.26 -2.94
C LEU B 61 -33.75 2.17 -4.48
N GLN B 62 -33.41 3.29 -5.17
CA GLN B 62 -33.31 3.39 -6.63
C GLN B 62 -32.23 2.45 -7.18
N GLU B 63 -31.17 2.18 -6.39
CA GLU B 63 -30.06 1.28 -6.71
C GLU B 63 -30.57 -0.16 -6.81
N ALA B 64 -31.46 -0.57 -5.89
CA ALA B 64 -32.08 -1.90 -5.84
C ALA B 64 -33.05 -2.12 -7.01
N GLN B 65 -33.64 -1.03 -7.53
CA GLN B 65 -34.57 -1.05 -8.68
C GLN B 65 -33.83 -1.39 -9.98
N VAL B 66 -32.57 -0.92 -10.09
CA VAL B 66 -31.66 -1.16 -11.22
C VAL B 66 -31.27 -2.64 -11.23
N MET B 67 -30.98 -3.19 -10.03
CA MET B 67 -30.57 -4.59 -9.79
C MET B 67 -31.69 -5.59 -10.12
N LYS B 68 -32.96 -5.14 -10.13
CA LYS B 68 -34.13 -5.95 -10.46
C LYS B 68 -34.16 -6.26 -11.96
N LYS B 69 -33.66 -5.32 -12.80
CA LYS B 69 -33.60 -5.43 -14.25
C LYS B 69 -32.34 -6.17 -14.74
N LEU B 70 -31.24 -6.12 -13.96
CA LEU B 70 -29.97 -6.76 -14.33
C LEU B 70 -29.83 -8.14 -13.69
N ARG B 71 -29.77 -9.20 -14.53
CA ARG B 71 -29.61 -10.59 -14.10
C ARG B 71 -28.56 -11.27 -14.99
N HIS B 72 -27.39 -11.60 -14.40
CA HIS B 72 -26.27 -12.26 -15.05
C HIS B 72 -25.37 -12.95 -14.02
N GLU B 73 -24.72 -14.05 -14.44
CA GLU B 73 -23.81 -14.87 -13.63
C GLU B 73 -22.52 -14.13 -13.20
N LYS B 74 -22.12 -13.06 -13.92
CA LYS B 74 -20.90 -12.31 -13.61
C LYS B 74 -21.24 -10.90 -13.09
N LEU B 75 -22.41 -10.81 -12.46
CA LEU B 75 -22.97 -9.62 -11.82
C LEU B 75 -23.51 -10.05 -10.47
N VAL B 76 -23.28 -9.24 -9.41
CA VAL B 76 -23.76 -9.57 -8.06
C VAL B 76 -25.29 -9.59 -8.13
N GLN B 77 -25.86 -10.79 -7.91
CA GLN B 77 -27.28 -11.05 -8.00
C GLN B 77 -28.04 -10.56 -6.76
N LEU B 78 -29.10 -9.77 -7.01
CA LEU B 78 -30.01 -9.26 -5.99
C LEU B 78 -30.92 -10.40 -5.53
N TYR B 79 -31.09 -10.55 -4.21
CA TYR B 79 -31.92 -11.61 -3.64
C TYR B 79 -33.24 -11.04 -3.09
N ALA B 80 -33.16 -10.07 -2.15
CA ALA B 80 -34.32 -9.45 -1.51
C ALA B 80 -34.10 -7.95 -1.24
N VAL B 81 -35.16 -7.23 -0.81
CA VAL B 81 -35.13 -5.79 -0.51
C VAL B 81 -36.20 -5.45 0.57
N VAL B 82 -35.91 -4.39 1.36
CA VAL B 82 -36.78 -3.84 2.41
C VAL B 82 -37.08 -2.39 1.99
N SER B 83 -38.33 -2.12 1.53
CA SER B 83 -38.77 -0.82 1.01
C SER B 83 -38.78 0.31 2.05
N GLU B 84 -39.31 0.04 3.27
CA GLU B 84 -39.42 1.06 4.33
C GLU B 84 -38.10 1.24 5.09
N GLU B 85 -37.86 2.48 5.56
CA GLU B 85 -36.65 2.88 6.30
C GLU B 85 -36.57 2.22 7.69
N PRO B 86 -35.44 1.62 8.11
CA PRO B 86 -34.16 1.47 7.38
C PRO B 86 -34.23 0.42 6.27
N ILE B 87 -33.72 0.77 5.09
CA ILE B 87 -33.72 -0.07 3.88
C ILE B 87 -32.55 -1.07 3.94
N TYR B 88 -32.84 -2.34 3.58
CA TYR B 88 -31.86 -3.44 3.55
C TYR B 88 -31.85 -4.11 2.17
N ILE B 89 -30.85 -3.79 1.34
CA ILE B 89 -30.71 -4.40 0.01
C ILE B 89 -29.91 -5.70 0.20
N VAL B 90 -30.56 -6.84 -0.05
CA VAL B 90 -29.98 -8.18 0.13
C VAL B 90 -29.53 -8.75 -1.21
N THR B 91 -28.28 -9.25 -1.26
CA THR B 91 -27.67 -9.87 -2.45
C THR B 91 -26.96 -11.18 -2.07
N GLU B 92 -26.27 -11.81 -3.06
CA GLU B 92 -25.48 -13.02 -2.83
C GLU B 92 -24.18 -12.65 -2.10
N TYR B 93 -23.54 -13.62 -1.45
CA TYR B 93 -22.30 -13.36 -0.72
C TYR B 93 -21.08 -13.88 -1.49
N MET B 94 -20.06 -13.01 -1.62
CA MET B 94 -18.80 -13.31 -2.27
C MET B 94 -17.77 -13.49 -1.16
N SER B 95 -17.38 -14.75 -0.92
CA SER B 95 -16.50 -15.19 0.17
C SER B 95 -15.09 -14.59 0.20
N LYS B 96 -14.50 -14.23 -0.96
CA LYS B 96 -13.12 -13.74 -1.01
C LYS B 96 -12.98 -12.20 -0.88
N GLY B 97 -14.07 -11.46 -1.07
CA GLY B 97 -14.06 -10.00 -0.97
C GLY B 97 -13.76 -9.29 -2.27
N SER B 98 -13.35 -8.00 -2.19
CA SER B 98 -13.03 -7.17 -3.36
C SER B 98 -11.80 -7.71 -4.10
N LEU B 99 -11.76 -7.50 -5.44
CA LEU B 99 -10.65 -7.93 -6.28
C LEU B 99 -9.37 -7.18 -5.89
N LEU B 100 -9.49 -5.87 -5.56
CA LEU B 100 -8.35 -5.06 -5.13
C LEU B 100 -7.67 -5.68 -3.91
N ASP B 101 -8.44 -5.96 -2.83
CA ASP B 101 -7.92 -6.58 -1.60
C ASP B 101 -7.36 -7.96 -1.88
N PHE B 102 -8.03 -8.72 -2.78
CA PHE B 102 -7.63 -10.05 -3.20
C PHE B 102 -6.25 -10.02 -3.88
N LEU B 103 -6.04 -9.05 -4.82
CA LEU B 103 -4.77 -8.85 -5.54
C LEU B 103 -3.65 -8.35 -4.62
N LYS B 104 -3.98 -7.43 -3.71
CA LYS B 104 -3.03 -6.82 -2.76
C LYS B 104 -2.58 -7.83 -1.68
N GLY B 105 -3.50 -8.71 -1.28
CA GLY B 105 -3.28 -9.71 -0.23
C GLY B 105 -2.39 -10.89 -0.54
N GLU B 106 -2.46 -11.92 0.33
CA GLU B 106 -1.69 -13.17 0.29
C GLU B 106 -1.85 -13.96 -1.00
N MET B 107 -3.00 -13.81 -1.69
CA MET B 107 -3.28 -14.53 -2.93
C MET B 107 -2.54 -13.96 -4.14
N GLY B 108 -2.21 -12.68 -4.10
CA GLY B 108 -1.50 -11.96 -5.16
C GLY B 108 -0.24 -12.61 -5.68
N LYS B 109 0.64 -13.04 -4.76
CA LYS B 109 1.92 -13.67 -5.08
C LYS B 109 1.77 -15.01 -5.85
N TYR B 110 0.62 -15.69 -5.70
CA TYR B 110 0.34 -16.97 -6.34
C TYR B 110 -0.35 -16.82 -7.70
N LEU B 111 -1.08 -15.71 -7.91
CA LEU B 111 -1.79 -15.43 -9.16
C LEU B 111 -0.81 -15.12 -10.28
N ARG B 112 -0.98 -15.81 -11.42
CA ARG B 112 -0.16 -15.61 -12.61
C ARG B 112 -1.08 -15.17 -13.74
N LEU B 113 -0.52 -14.86 -14.92
CA LEU B 113 -1.28 -14.37 -16.08
C LEU B 113 -2.49 -15.28 -16.45
N PRO B 114 -2.41 -16.65 -16.50
CA PRO B 114 -3.61 -17.43 -16.84
C PRO B 114 -4.81 -17.19 -15.92
N GLN B 115 -4.58 -16.98 -14.62
CA GLN B 115 -5.63 -16.72 -13.64
C GLN B 115 -6.19 -15.30 -13.82
N LEU B 116 -5.30 -14.29 -13.87
CA LEU B 116 -5.67 -12.87 -14.01
C LEU B 116 -6.41 -12.57 -15.32
N VAL B 117 -6.04 -13.26 -16.43
CA VAL B 117 -6.68 -13.11 -17.73
C VAL B 117 -8.08 -13.74 -17.65
N ASP B 118 -8.21 -14.90 -16.95
CA ASP B 118 -9.48 -15.60 -16.74
C ASP B 118 -10.43 -14.71 -15.93
N MET B 119 -9.92 -14.05 -14.87
CA MET B 119 -10.68 -13.12 -14.04
C MET B 119 -11.19 -11.94 -14.89
N ALA B 120 -10.29 -11.37 -15.75
CA ALA B 120 -10.60 -10.26 -16.66
C ALA B 120 -11.64 -10.68 -17.70
N ALA B 121 -11.59 -11.95 -18.15
CA ALA B 121 -12.55 -12.54 -19.11
C ALA B 121 -13.95 -12.58 -18.49
N GLN B 122 -14.03 -12.91 -17.19
CA GLN B 122 -15.27 -12.96 -16.41
C GLN B 122 -15.86 -11.56 -16.21
N ILE B 123 -15.00 -10.54 -15.97
CA ILE B 123 -15.43 -9.14 -15.80
C ILE B 123 -15.92 -8.63 -17.16
N ALA B 124 -15.23 -9.00 -18.26
CA ALA B 124 -15.60 -8.63 -19.62
C ALA B 124 -16.94 -9.23 -19.99
N SER B 125 -17.23 -10.46 -19.50
CA SER B 125 -18.49 -11.18 -19.70
C SER B 125 -19.65 -10.45 -19.00
N GLY B 126 -19.44 -10.02 -17.76
CA GLY B 126 -20.40 -9.25 -16.99
C GLY B 126 -20.70 -7.91 -17.63
N MET B 127 -19.63 -7.23 -18.07
CA MET B 127 -19.72 -5.93 -18.74
C MET B 127 -20.27 -6.08 -20.18
N ALA B 128 -20.17 -7.29 -20.80
CA ALA B 128 -20.74 -7.56 -22.12
C ALA B 128 -22.26 -7.61 -22.01
N TYR B 129 -22.78 -8.12 -20.88
CA TYR B 129 -24.21 -8.16 -20.58
C TYR B 129 -24.72 -6.73 -20.36
N VAL B 130 -23.97 -5.92 -19.55
CA VAL B 130 -24.23 -4.51 -19.24
C VAL B 130 -24.35 -3.71 -20.56
N GLU B 131 -23.46 -4.01 -21.53
CA GLU B 131 -23.41 -3.44 -22.88
C GLU B 131 -24.70 -3.75 -23.66
N ARG B 132 -25.13 -5.03 -23.65
CA ARG B 132 -26.35 -5.54 -24.31
C ARG B 132 -27.63 -4.91 -23.73
N MET B 133 -27.63 -4.63 -22.41
CA MET B 133 -28.76 -4.06 -21.67
C MET B 133 -28.80 -2.53 -21.73
N ASN B 134 -27.83 -1.91 -22.46
CA ASN B 134 -27.65 -0.46 -22.67
C ASN B 134 -27.51 0.28 -21.33
N TYR B 135 -26.76 -0.31 -20.38
CA TYR B 135 -26.47 0.26 -19.07
C TYR B 135 -25.01 0.73 -19.02
N VAL B 136 -24.74 1.75 -18.18
CA VAL B 136 -23.41 2.31 -17.98
C VAL B 136 -23.06 2.17 -16.49
N HIS B 137 -21.94 1.49 -16.18
CA HIS B 137 -21.50 1.26 -14.81
C HIS B 137 -21.03 2.56 -14.14
N ARG B 138 -20.16 3.35 -14.83
CA ARG B 138 -19.60 4.66 -14.45
C ARG B 138 -18.41 4.55 -13.48
N ASP B 139 -18.28 3.44 -12.74
CA ASP B 139 -17.17 3.28 -11.79
C ASP B 139 -16.59 1.85 -11.82
N LEU B 140 -16.15 1.42 -13.00
CA LEU B 140 -15.55 0.09 -13.17
C LEU B 140 -14.08 0.16 -12.74
N ARG B 141 -13.72 -0.70 -11.77
CA ARG B 141 -12.38 -0.85 -11.18
C ARG B 141 -12.38 -2.09 -10.29
N ALA B 142 -11.17 -2.56 -9.90
CA ALA B 142 -10.97 -3.75 -9.06
C ALA B 142 -11.68 -3.64 -7.69
N ALA B 143 -11.84 -2.41 -7.15
CA ALA B 143 -12.52 -2.15 -5.86
C ALA B 143 -14.03 -2.47 -5.96
N ASN B 144 -14.61 -2.41 -7.17
CA ASN B 144 -16.02 -2.69 -7.43
C ASN B 144 -16.22 -4.08 -8.09
N ILE B 145 -15.20 -4.95 -8.00
CA ILE B 145 -15.26 -6.31 -8.51
C ILE B 145 -15.12 -7.23 -7.29
N LEU B 146 -16.04 -8.19 -7.14
CA LEU B 146 -15.99 -9.09 -6.01
C LEU B 146 -15.56 -10.49 -6.44
N VAL B 147 -14.73 -11.12 -5.62
CA VAL B 147 -14.19 -12.46 -5.87
C VAL B 147 -14.88 -13.46 -4.93
N GLY B 148 -15.19 -14.64 -5.46
CA GLY B 148 -15.80 -15.73 -4.74
C GLY B 148 -14.91 -16.96 -4.76
N GLU B 149 -15.51 -18.15 -4.65
CA GLU B 149 -14.78 -19.42 -4.68
C GLU B 149 -14.42 -19.78 -6.13
N ASN B 150 -13.28 -20.48 -6.32
CA ASN B 150 -12.74 -20.92 -7.61
C ASN B 150 -12.51 -19.72 -8.59
N LEU B 151 -12.04 -18.58 -8.02
CA LEU B 151 -11.72 -17.30 -8.67
C LEU B 151 -12.89 -16.74 -9.49
N VAL B 152 -14.13 -16.88 -8.97
CA VAL B 152 -15.32 -16.35 -9.64
C VAL B 152 -15.37 -14.83 -9.38
N CYS B 153 -15.34 -14.05 -10.48
CA CYS B 153 -15.38 -12.59 -10.41
C CYS B 153 -16.71 -12.07 -10.91
N LYS B 154 -17.35 -11.22 -10.09
CA LYS B 154 -18.64 -10.62 -10.39
C LYS B 154 -18.56 -9.11 -10.25
N VAL B 155 -19.18 -8.40 -11.20
CA VAL B 155 -19.23 -6.95 -11.23
C VAL B 155 -20.21 -6.45 -10.14
N ALA B 156 -19.74 -5.52 -9.30
CA ALA B 156 -20.51 -4.93 -8.21
C ALA B 156 -20.45 -3.40 -8.27
N ASP B 157 -21.07 -2.72 -7.30
CA ASP B 157 -21.07 -1.27 -7.16
C ASP B 157 -21.29 -0.90 -5.70
N PHE B 158 -20.24 -0.39 -5.05
CA PHE B 158 -20.25 0.01 -3.64
C PHE B 158 -20.62 1.49 -3.44
N GLY B 159 -20.84 2.21 -4.54
CA GLY B 159 -21.20 3.63 -4.53
C GLY B 159 -20.00 4.54 -4.35
N PHE B 177 -12.87 11.54 -6.42
CA PHE B 177 -13.31 10.93 -7.67
C PHE B 177 -12.23 10.01 -8.26
N PRO B 178 -12.61 8.82 -8.83
CA PRO B 178 -11.57 7.93 -9.40
C PRO B 178 -11.20 8.34 -10.83
N ILE B 179 -10.57 9.54 -10.95
CA ILE B 179 -10.11 10.19 -12.18
C ILE B 179 -9.15 9.28 -12.96
N LYS B 180 -8.28 8.51 -12.26
CA LYS B 180 -7.30 7.60 -12.83
C LYS B 180 -7.96 6.46 -13.64
N TRP B 181 -9.21 6.10 -13.28
CA TRP B 181 -10.00 5.06 -13.94
C TRP B 181 -11.01 5.61 -14.96
N THR B 182 -11.33 6.91 -14.88
CA THR B 182 -12.34 7.54 -15.73
C THR B 182 -11.71 8.05 -17.03
N ALA B 183 -12.45 7.85 -18.15
CA ALA B 183 -12.09 8.31 -19.50
C ALA B 183 -12.08 9.84 -19.53
N PRO B 184 -11.25 10.50 -20.39
CA PRO B 184 -11.19 11.98 -20.37
C PRO B 184 -12.51 12.67 -20.68
N GLU B 185 -13.31 12.15 -21.64
CA GLU B 185 -14.60 12.75 -22.02
C GLU B 185 -15.65 12.62 -20.90
N ALA B 186 -15.57 11.56 -20.09
CA ALA B 186 -16.48 11.33 -18.96
C ALA B 186 -16.07 12.17 -17.75
N ALA B 187 -14.76 12.38 -17.56
CA ALA B 187 -14.24 13.17 -16.45
C ALA B 187 -14.40 14.67 -16.72
N LEU B 188 -14.03 15.14 -17.94
CA LEU B 188 -14.09 16.55 -18.30
C LEU B 188 -15.48 17.03 -18.73
N TYR B 189 -16.18 16.27 -19.57
CA TYR B 189 -17.47 16.71 -20.14
C TYR B 189 -18.70 15.90 -19.65
N GLY B 190 -18.49 14.94 -18.74
CA GLY B 190 -19.57 14.11 -18.20
C GLY B 190 -20.17 13.13 -19.18
N ARG B 191 -19.45 12.84 -20.28
CA ARG B 191 -19.87 11.94 -21.35
C ARG B 191 -19.60 10.48 -20.91
N PHE B 192 -20.42 9.98 -19.96
CA PHE B 192 -20.34 8.62 -19.42
C PHE B 192 -21.10 7.64 -20.31
N THR B 193 -20.37 6.73 -20.98
CA THR B 193 -20.90 5.73 -21.90
C THR B 193 -20.31 4.34 -21.60
N ILE B 194 -20.72 3.31 -22.37
CA ILE B 194 -20.16 1.97 -22.24
C ILE B 194 -18.71 2.00 -22.78
N LYS B 195 -18.41 2.97 -23.66
CA LYS B 195 -17.08 3.19 -24.23
C LYS B 195 -16.14 3.80 -23.18
N SER B 196 -16.70 4.56 -22.20
CA SER B 196 -15.92 5.13 -21.11
C SER B 196 -15.70 4.03 -20.05
N ASP B 197 -16.60 3.02 -20.02
CA ASP B 197 -16.48 1.83 -19.17
C ASP B 197 -15.36 0.94 -19.70
N VAL B 198 -15.18 0.92 -21.04
CA VAL B 198 -14.11 0.18 -21.74
C VAL B 198 -12.75 0.75 -21.29
N TRP B 199 -12.63 2.11 -21.22
CA TRP B 199 -11.44 2.81 -20.74
C TRP B 199 -11.09 2.33 -19.33
N SER B 200 -12.09 2.30 -18.43
CA SER B 200 -11.98 1.87 -17.04
C SER B 200 -11.52 0.42 -16.95
N PHE B 201 -11.96 -0.45 -17.90
CA PHE B 201 -11.57 -1.86 -17.98
C PHE B 201 -10.07 -1.98 -18.32
N GLY B 202 -9.57 -1.06 -19.16
CA GLY B 202 -8.16 -1.00 -19.53
C GLY B 202 -7.28 -0.74 -18.33
N ILE B 203 -7.73 0.17 -17.43
CA ILE B 203 -7.08 0.53 -16.17
C ILE B 203 -7.15 -0.68 -15.20
N LEU B 204 -8.30 -1.39 -15.20
CA LEU B 204 -8.52 -2.59 -14.39
C LEU B 204 -7.51 -3.67 -14.80
N LEU B 205 -7.16 -3.74 -16.10
CA LEU B 205 -6.18 -4.70 -16.62
C LEU B 205 -4.78 -4.40 -16.09
N THR B 206 -4.47 -3.11 -15.80
CA THR B 206 -3.17 -2.73 -15.21
C THR B 206 -3.19 -3.13 -13.73
N GLU B 207 -4.34 -2.97 -13.05
CA GLU B 207 -4.53 -3.37 -11.66
C GLU B 207 -4.28 -4.87 -11.51
N LEU B 208 -4.82 -5.70 -12.44
CA LEU B 208 -4.62 -7.15 -12.43
C LEU B 208 -3.15 -7.51 -12.66
N THR B 209 -2.51 -6.92 -13.69
CA THR B 209 -1.12 -7.20 -14.06
C THR B 209 -0.08 -6.61 -13.10
N THR B 210 -0.45 -5.62 -12.25
CA THR B 210 0.48 -5.02 -11.29
C THR B 210 0.20 -5.51 -9.86
N LYS B 211 -0.82 -6.40 -9.71
CA LYS B 211 -1.27 -7.01 -8.45
C LYS B 211 -1.91 -5.97 -7.51
N GLY B 212 -2.79 -5.15 -8.07
CA GLY B 212 -3.55 -4.15 -7.35
C GLY B 212 -2.92 -2.79 -7.15
N ARG B 213 -1.75 -2.52 -7.77
CA ARG B 213 -1.10 -1.22 -7.64
C ARG B 213 -1.95 -0.13 -8.26
N VAL B 214 -1.96 1.05 -7.62
CA VAL B 214 -2.70 2.24 -8.07
C VAL B 214 -2.15 2.66 -9.45
N PRO B 215 -3.02 2.89 -10.47
CA PRO B 215 -2.52 3.29 -11.80
C PRO B 215 -1.79 4.63 -11.77
N TYR B 216 -1.02 4.93 -12.85
CA TYR B 216 -0.22 6.16 -13.00
C TYR B 216 0.62 6.41 -11.71
N PRO B 217 1.52 5.46 -11.31
CA PRO B 217 2.26 5.65 -10.04
C PRO B 217 3.13 6.91 -10.03
N GLY B 218 3.08 7.62 -8.90
CA GLY B 218 3.81 8.87 -8.69
C GLY B 218 3.10 10.11 -9.19
N MET B 219 1.98 9.93 -9.92
CA MET B 219 1.18 11.02 -10.49
C MET B 219 -0.08 11.28 -9.68
N VAL B 220 -0.42 12.56 -9.51
CA VAL B 220 -1.63 13.00 -8.80
C VAL B 220 -2.75 13.18 -9.85
N ASN B 221 -4.02 13.17 -9.41
CA ASN B 221 -5.20 13.33 -10.30
C ASN B 221 -5.10 14.52 -11.27
N ARG B 222 -4.44 15.62 -10.84
CA ARG B 222 -4.26 16.83 -11.64
C ARG B 222 -3.29 16.59 -12.81
N GLU B 223 -2.10 16.01 -12.53
CA GLU B 223 -1.11 15.75 -13.59
C GLU B 223 -1.51 14.53 -14.44
N VAL B 224 -2.54 13.75 -14.01
CA VAL B 224 -3.07 12.60 -14.76
C VAL B 224 -3.90 13.14 -15.94
N LEU B 225 -4.88 14.02 -15.66
CA LEU B 225 -5.75 14.63 -16.69
C LEU B 225 -4.96 15.37 -17.77
N ASP B 226 -3.92 16.13 -17.38
CA ASP B 226 -3.09 16.91 -18.29
C ASP B 226 -2.17 16.02 -19.16
N GLN B 227 -1.58 14.96 -18.56
CA GLN B 227 -0.71 14.03 -19.28
C GLN B 227 -1.51 13.14 -20.22
N VAL B 228 -2.69 12.64 -19.79
CA VAL B 228 -3.54 11.77 -20.61
C VAL B 228 -4.09 12.56 -21.82
N GLU B 229 -4.43 13.86 -21.63
CA GLU B 229 -4.92 14.72 -22.71
C GLU B 229 -3.84 14.97 -23.78
N ARG B 230 -2.56 15.14 -23.36
CA ARG B 230 -1.46 15.36 -24.31
C ARG B 230 -1.05 14.03 -25.01
N GLY B 231 -1.67 12.92 -24.63
CA GLY B 231 -1.45 11.60 -25.22
C GLY B 231 -0.72 10.57 -24.40
N TYR B 232 -0.42 10.85 -23.11
CA TYR B 232 0.28 9.90 -22.23
C TYR B 232 -0.62 8.72 -21.88
N ARG B 233 -0.02 7.52 -21.94
CA ARG B 233 -0.61 6.23 -21.62
C ARG B 233 0.36 5.45 -20.78
N MET B 234 -0.14 4.71 -19.78
CA MET B 234 0.70 3.86 -18.93
C MET B 234 1.49 2.88 -19.79
N PRO B 235 2.80 2.68 -19.50
CA PRO B 235 3.60 1.75 -20.31
C PRO B 235 3.26 0.30 -20.00
N CYS B 236 3.86 -0.64 -20.74
CA CYS B 236 3.64 -2.06 -20.51
C CYS B 236 4.17 -2.44 -19.11
N PRO B 237 3.29 -3.00 -18.24
CA PRO B 237 3.76 -3.39 -16.89
C PRO B 237 4.85 -4.47 -16.94
N PRO B 238 5.75 -4.58 -15.93
CA PRO B 238 6.79 -5.62 -15.98
C PRO B 238 6.21 -7.04 -16.04
N GLU B 239 6.81 -7.89 -16.90
CA GLU B 239 6.46 -9.31 -17.18
C GLU B 239 5.11 -9.47 -17.93
N CYS B 240 4.41 -8.37 -18.23
CA CYS B 240 3.15 -8.41 -18.96
C CYS B 240 3.44 -8.51 -20.47
N PRO B 241 2.81 -9.44 -21.23
CA PRO B 241 3.08 -9.50 -22.69
C PRO B 241 2.61 -8.23 -23.39
N GLU B 242 3.31 -7.84 -24.47
CA GLU B 242 3.01 -6.65 -25.27
C GLU B 242 1.59 -6.69 -25.84
N SER B 243 1.09 -7.91 -26.19
CA SER B 243 -0.25 -8.15 -26.75
C SER B 243 -1.37 -7.74 -25.79
N LEU B 244 -1.19 -7.93 -24.46
CA LEU B 244 -2.19 -7.53 -23.48
C LEU B 244 -2.13 -6.01 -23.26
N HIS B 245 -0.92 -5.40 -23.39
CA HIS B 245 -0.76 -3.94 -23.29
C HIS B 245 -1.39 -3.25 -24.50
N ASP B 246 -1.31 -3.89 -25.69
CA ASP B 246 -1.93 -3.39 -26.92
C ASP B 246 -3.44 -3.31 -26.74
N LEU B 247 -4.03 -4.30 -26.04
CA LEU B 247 -5.46 -4.36 -25.71
C LEU B 247 -5.81 -3.22 -24.73
N MET B 248 -4.92 -2.96 -23.74
CA MET B 248 -5.10 -1.85 -22.78
C MET B 248 -5.18 -0.53 -23.55
N CYS B 249 -4.26 -0.32 -24.52
CA CYS B 249 -4.15 0.86 -25.37
C CYS B 249 -5.35 1.02 -26.31
N GLN B 250 -6.00 -0.10 -26.70
CA GLN B 250 -7.22 -0.11 -27.52
C GLN B 250 -8.36 0.47 -26.69
N CYS B 251 -8.39 0.12 -25.37
CA CYS B 251 -9.37 0.61 -24.39
C CYS B 251 -9.10 2.08 -24.08
N TRP B 252 -7.86 2.55 -24.34
CA TRP B 252 -7.47 3.92 -24.03
C TRP B 252 -7.36 4.84 -25.27
N ARG B 253 -8.06 4.52 -26.38
CA ARG B 253 -8.03 5.35 -27.59
C ARG B 253 -8.73 6.68 -27.33
N LYS B 254 -8.13 7.81 -27.79
CA LYS B 254 -8.64 9.17 -27.60
C LYS B 254 -10.11 9.28 -28.02
N ASP B 255 -10.46 8.73 -29.20
CA ASP B 255 -11.82 8.72 -29.71
C ASP B 255 -12.58 7.54 -29.08
N PRO B 256 -13.64 7.81 -28.27
CA PRO B 256 -14.37 6.71 -27.61
C PRO B 256 -14.97 5.66 -28.55
N GLU B 257 -15.37 6.02 -29.77
CA GLU B 257 -15.96 5.05 -30.70
C GLU B 257 -14.89 4.13 -31.33
N GLU B 258 -13.58 4.46 -31.16
CA GLU B 258 -12.46 3.64 -31.64
C GLU B 258 -12.16 2.52 -30.61
N ARG B 259 -12.71 2.64 -29.39
CA ARG B 259 -12.56 1.67 -28.30
C ARG B 259 -13.32 0.37 -28.62
N PRO B 260 -12.79 -0.81 -28.26
CA PRO B 260 -13.49 -2.06 -28.60
C PRO B 260 -14.71 -2.31 -27.71
N THR B 261 -15.60 -3.21 -28.17
CA THR B 261 -16.77 -3.62 -27.41
C THR B 261 -16.35 -4.61 -26.34
N PHE B 262 -17.15 -4.78 -25.26
CA PHE B 262 -16.86 -5.76 -24.23
C PHE B 262 -17.03 -7.19 -24.79
N GLU B 263 -17.86 -7.35 -25.85
CA GLU B 263 -18.08 -8.61 -26.56
C GLU B 263 -16.77 -9.06 -27.21
N TYR B 264 -16.03 -8.10 -27.81
CA TYR B 264 -14.70 -8.32 -28.41
C TYR B 264 -13.69 -8.61 -27.30
N LEU B 265 -13.75 -7.84 -26.18
CA LEU B 265 -12.86 -7.96 -25.03
C LEU B 265 -12.99 -9.34 -24.38
N GLN B 266 -14.24 -9.84 -24.22
CA GLN B 266 -14.58 -11.14 -23.64
C GLN B 266 -13.98 -12.27 -24.48
N ALA B 267 -14.21 -12.23 -25.82
CA ALA B 267 -13.75 -13.22 -26.78
C ALA B 267 -12.22 -13.26 -26.89
N PHE B 268 -11.57 -12.07 -26.82
CA PHE B 268 -10.12 -11.94 -26.90
C PHE B 268 -9.44 -12.57 -25.67
N LEU B 269 -9.98 -12.31 -24.45
CA LEU B 269 -9.42 -12.79 -23.19
C LEU B 269 -9.68 -14.27 -22.97
N GLU B 270 -10.84 -14.79 -23.39
CA GLU B 270 -11.18 -16.21 -23.28
C GLU B 270 -10.22 -17.08 -24.14
N ASP B 271 -9.88 -16.58 -25.34
CA ASP B 271 -9.05 -17.26 -26.34
C ASP B 271 -7.55 -16.88 -26.29
N TYR B 272 -7.17 -15.96 -25.38
CA TYR B 272 -5.83 -15.38 -25.23
C TYR B 272 -4.66 -16.39 -25.32
N PHE B 273 -4.68 -17.48 -24.54
CA PHE B 273 -3.57 -18.43 -24.48
C PHE B 273 -3.55 -19.45 -25.64
N THR B 274 -4.45 -19.29 -26.62
CA THR B 274 -4.48 -20.14 -27.80
C THR B 274 -4.29 -19.29 -29.05
N SER B 275 -4.99 -18.14 -29.14
CA SER B 275 -4.98 -17.26 -30.30
C SER B 275 -3.92 -16.15 -30.27
N THR B 276 -3.67 -15.55 -29.10
CA THR B 276 -2.77 -14.41 -28.96
C THR B 276 -1.38 -14.82 -28.42
N GLU B 277 -1.34 -15.56 -27.29
CA GLU B 277 -0.09 -16.00 -26.66
C GLU B 277 -0.02 -17.54 -26.51
N PRO B 278 0.15 -18.31 -27.62
CA PRO B 278 0.21 -19.79 -27.49
C PRO B 278 1.54 -20.30 -26.91
N GLN B 279 2.60 -19.49 -26.98
CA GLN B 279 3.94 -19.86 -26.51
C GLN B 279 4.27 -19.15 -25.17
N TYR B 280 3.24 -18.80 -24.38
CA TYR B 280 3.37 -18.12 -23.09
C TYR B 280 4.06 -19.04 -22.06
N GLN B 281 5.06 -18.49 -21.36
CA GLN B 281 5.79 -19.19 -20.31
C GLN B 281 5.64 -18.44 -18.98
N PRO B 282 5.22 -19.13 -17.90
CA PRO B 282 5.07 -18.44 -16.60
C PRO B 282 6.39 -17.92 -16.06
N GLY B 283 6.35 -16.70 -15.51
CA GLY B 283 7.52 -16.04 -14.96
C GLY B 283 7.52 -16.00 -13.45
N GLU B 284 8.23 -15.02 -12.87
CA GLU B 284 8.34 -14.84 -11.43
C GLU B 284 7.10 -14.18 -10.84
N ASN B 285 6.35 -13.38 -11.64
CA ASN B 285 5.16 -12.68 -11.13
C ASN B 285 3.91 -12.87 -12.00
N LEU B 286 4.08 -13.07 -13.33
CA LEU B 286 2.96 -13.22 -14.26
C LEU B 286 3.12 -14.46 -15.14
O2 4A9 C . 23.92 5.88 10.06
C7 4A9 C . 24.75 5.19 9.52
C8 4A9 C . 24.45 3.80 9.07
C14 4A9 C . 25.14 2.70 9.61
C13 4A9 C . 24.86 1.39 9.18
C12 4A9 C . 23.84 1.18 8.25
C10 4A9 C . 23.12 2.28 7.74
C11 4A9 C . 21.95 1.99 6.82
F3 4A9 C . 21.98 0.78 6.25
F2 4A9 C . 21.87 2.87 5.80
F1 4A9 C . 20.76 2.04 7.41
C9 4A9 C . 23.43 3.60 8.13
N2 4A9 C . 26.08 5.60 9.25
C6 4A9 C . 26.70 6.85 9.54
C5 4A9 C . 28.07 6.95 9.78
C4 4A9 C . 28.65 8.20 10.01
C3 4A9 C . 27.90 9.38 10.02
C15 4A9 C . 25.91 8.04 9.53
C2 4A9 C . 26.54 9.28 9.77
N1 4A9 C . 25.73 10.42 9.76
C1 4A9 C . 24.76 10.69 10.73
O1 4A9 C . 24.54 9.98 11.69
C16 4A9 C . 24.03 11.94 10.50
C17 4A9 C . 23.73 12.50 9.28
N3 4A9 C . 23.00 13.68 9.35
C18 4A9 C . 22.77 13.96 10.65
S 4A9 C . 23.42 12.83 11.78
N4 4A9 C . 22.04 15.12 10.99
C19 4A9 C . 21.70 15.53 12.29
C29 4A9 C . 20.96 16.75 12.45
C22 4A9 C . 20.51 17.04 13.75
N6 4A9 C . 20.79 16.22 14.85
C20 4A9 C . 21.53 15.10 14.60
C21 4A9 C . 21.88 14.25 15.81
N5 4A9 C . 21.99 14.70 13.38
N7 4A9 C . 19.70 18.16 14.06
C28 4A9 C . 18.99 18.96 13.07
C27 4A9 C . 19.65 20.32 13.08
N8 4A9 C . 19.48 20.94 14.42
C24 4A9 C . 20.10 20.08 15.47
C23 4A9 C . 19.47 18.70 15.42
C25 4A9 C . 19.90 22.38 14.50
C26 4A9 C . 21.36 22.63 14.14
O3 4A9 C . 22.20 22.32 15.23
H1 4A9 C . 18.48 20.94 14.62
H10 4A9 C . 25.82 2.84 10.44
H9 4A9 C . 25.44 0.55 9.54
H8 4A9 C . 23.59 0.16 7.96
H7 4A9 C . 22.92 4.45 7.70
H6 4A9 C . 26.69 4.92 8.81
H5 4A9 C . 28.73 6.08 9.78
H4 4A9 C . 29.72 8.28 10.20
H3 4A9 C . 28.39 10.32 10.22
H11 4A9 C . 24.84 8.03 9.32
H2 4A9 C . 25.92 11.09 9.01
H12 4A9 C . 24.00 12.10 8.29
H13 4A9 C . 21.73 15.69 10.20
H30 4A9 C . 20.79 17.40 11.60
H15 4A9 C . 22.27 13.29 15.48
H16 4A9 C . 20.99 14.05 16.40
H14 4A9 C . 22.62 14.72 16.44
H29 4A9 C . 18.96 18.50 12.08
H28 4A9 C . 17.93 19.08 13.32
H27 4A9 C . 19.26 20.96 12.28
H26 4A9 C . 20.71 20.23 12.83
H19 4A9 C . 21.18 20.01 15.33
H20 4A9 C . 20.01 20.54 16.46
H18 4A9 C . 18.41 18.74 15.63
H17 4A9 C . 19.89 18.07 16.21
H22 4A9 C . 19.27 23.01 13.87
H21 4A9 C . 19.70 22.74 15.52
H23 4A9 C . 21.72 22.02 13.31
H24 4A9 C . 21.44 23.66 13.81
H25 4A9 C . 22.98 22.95 15.21
O2 4A9 D . -23.01 -3.98 -5.77
C7 4A9 D . -24.17 -3.76 -6.08
C8 4A9 D . -24.52 -3.22 -7.42
C14 4A9 D . -25.27 -2.03 -7.54
C13 4A9 D . -25.54 -1.52 -8.82
C12 4A9 D . -25.06 -2.18 -9.96
C10 4A9 D . -24.31 -3.36 -9.82
C11 4A9 D . -23.76 -4.03 -11.06
F3 4A9 D . -22.45 -3.78 -11.23
F2 4A9 D . -24.32 -3.65 -12.21
F1 4A9 D . -23.86 -5.36 -11.05
C9 4A9 D . -24.05 -3.90 -8.54
N2 4A9 D . -25.30 -3.96 -5.26
C6 4A9 D . -25.34 -4.47 -3.94
C5 4A9 D . -26.37 -4.08 -3.05
C4 4A9 D . -26.40 -4.63 -1.76
C3 4A9 D . -25.45 -5.54 -1.32
C15 4A9 D . -24.37 -5.41 -3.51
C2 4A9 D . -24.43 -5.92 -2.21
N1 4A9 D . -23.44 -6.85 -1.85
C1 4A9 D . -22.07 -6.55 -1.81
O1 4A9 D . -21.61 -5.44 -2.05
C16 4A9 D . -21.25 -7.69 -1.42
C17 4A9 D . -21.46 -9.01 -1.75
N3 4A9 D . -20.51 -9.90 -1.25
C18 4A9 D . -19.60 -9.18 -0.55
S 4A9 D . -19.88 -7.48 -0.49
N4 4A9 D . -18.55 -9.85 0.12
C19 4A9 D . -17.52 -9.23 0.85
C29 4A9 D . -16.55 -10.06 1.49
C22 4A9 D . -15.46 -9.39 2.11
N6 4A9 D . -15.36 -8.00 2.13
C20 4A9 D . -16.36 -7.29 1.51
C21 4A9 D . -16.28 -5.79 1.64
N5 4A9 D . -17.42 -7.84 0.87
N7 4A9 D . -14.35 -10.06 2.68
C28 4A9 D . -13.38 -9.44 3.60
C27 4A9 D . -13.35 -10.19 4.93
N8 4A9 D . -14.17 -11.43 4.86
C24 4A9 D . -13.75 -12.25 3.67
C23 4A9 D . -13.98 -11.47 2.39
C25 4A9 D . -14.09 -12.19 6.16
C26 4A9 D . -14.88 -13.48 6.14
O3 4A9 D . -15.17 -13.89 7.47
H1 4A9 D . -15.15 -11.19 4.73
H10 4A9 D . -25.64 -1.53 -6.66
H9 4A9 D . -26.13 -0.61 -8.94
H8 4A9 D . -25.25 -1.76 -10.94
H7 4A9 D . -23.52 -4.84 -8.43
H6 4A9 D . -26.20 -3.70 -5.62
H5 4A9 D . -27.13 -3.37 -3.33
H4 4A9 D . -27.21 -4.36 -1.10
H3 4A9 D . -25.50 -5.92 -0.30
H11 4A9 D . -23.59 -5.78 -4.19
H2 4A9 D . -23.79 -7.76 -1.58
H12 4A9 D . -22.28 -9.39 -2.37
H13 4A9 D . -18.55 -10.86 0.02
H30 4A9 D . -16.68 -11.13 1.52
H15 4A9 D . -17.22 -5.40 2.02
H16 4A9 D . -16.10 -5.33 0.67
H14 4A9 D . -15.50 -5.47 2.31
H29 4A9 D . -12.40 -9.38 3.14
H28 4A9 D . -13.61 -8.39 3.81
H27 4A9 D . -13.69 -9.54 5.74
H26 4A9 D . -12.33 -10.44 5.21
H19 4A9 D . -12.69 -12.52 3.76
H20 4A9 D . -14.23 -13.23 3.64
H18 4A9 D . -14.71 -11.95 1.75
H17 4A9 D . -13.06 -11.50 1.81
H22 4A9 D . -14.45 -11.56 6.97
H21 4A9 D . -13.05 -12.38 6.40
H23 4A9 D . -14.31 -14.30 5.71
H24 4A9 D . -15.75 -13.36 5.51
H25 4A9 D . -14.35 -14.30 7.86
#